data_6KVB
#
_entry.id   6KVB
#
_entity_poly.entity_id   1
_entity_poly.type   'polydeoxyribonucleotide'
_entity_poly.pdbx_seq_one_letter_code
;(DT)(DG)(DG)(DT)(DG)(DG)(DT)(DG)(DG)(DT)(DG)(DG)(DT)(DT)(DG)(DT)(DG)(DG)(DT)(DG)
(DG)(DT)(DG)(DG)(DT)(DT)(DG)(DT)
;
_entity_poly.pdbx_strand_id   A
#
loop_
_chem_comp.id
_chem_comp.type
_chem_comp.name
_chem_comp.formula
DG DNA linking 2'-DEOXYGUANOSINE-5'-MONOPHOSPHATE 'C10 H14 N5 O7 P'
DT DNA linking THYMIDINE-5'-MONOPHOSPHATE 'C10 H15 N2 O8 P'
#